data_4P47
#
_entry.id   4P47
#
_cell.length_a   54.183
_cell.length_b   68.695
_cell.length_c   76.431
_cell.angle_alpha   90.000
_cell.angle_beta   90.000
_cell.angle_gamma   90.000
#
_symmetry.space_group_name_H-M   'P 21 21 21'
#
loop_
_entity.id
_entity.type
_entity.pdbx_description
1 polymer 'TRAP dicarboxylate transporter, DctP subunit'
2 water water
#
_entity_poly.entity_id   1
_entity_poly.type   'polypeptide(L)'
_entity_poly.pdbx_seq_one_letter_code
;MKKILKTMALGVVLPLALMTTTAMAEIRSQTIKFAAANSKGHPQVTGMEKFAELVKEKSGGQINVKLFPGGVLGSDPQTL
SGLQGGVVEMTVMNAGILSSTVKAFEAVDLPFLFNSGEEADKVMDGPFGTNLMKRLPDTGLIGLAYWELGFRNLTNNRHP
VAKLEDIAGLKIRTLQSPVPVALFNALGANAVPLPYTELYTALETGTVDGQENPNANIINAKFYEVQKYLTLTRHQYNPQ
IVMISKKFWDRLNDEEKAVIEQAAVEARDYQRKVSREQDATALDEIKKTGMQVTELTPEETTRLRDAVKPIIDKFTAEIG
AETVDELFAELKKVRGENAENLYFQ
;
_entity_poly.pdbx_strand_id   A
#
# COMPACT_ATOMS: atom_id res chain seq x y z
N GLU A 26 24.90 -14.40 -21.78
CA GLU A 26 25.34 -13.06 -21.42
C GLU A 26 24.16 -12.10 -21.40
N ILE A 27 24.33 -10.99 -20.69
CA ILE A 27 23.31 -9.94 -20.63
C ILE A 27 23.19 -9.25 -21.97
N ARG A 28 22.07 -9.49 -22.65
CA ARG A 28 21.83 -8.95 -23.98
C ARG A 28 21.13 -7.61 -23.88
N SER A 29 21.08 -6.87 -24.99
N SER A 29 21.11 -6.86 -24.97
CA SER A 29 20.33 -5.62 -25.02
CA SER A 29 20.33 -5.64 -25.01
C SER A 29 18.85 -5.88 -24.73
C SER A 29 18.90 -5.99 -24.63
N GLN A 30 18.33 -5.26 -23.68
CA GLN A 30 16.92 -5.39 -23.30
C GLN A 30 16.34 -4.01 -23.05
N THR A 31 15.05 -3.87 -23.30
CA THR A 31 14.37 -2.64 -22.95
C THR A 31 13.19 -2.98 -22.07
N ILE A 32 13.10 -2.29 -20.96
CA ILE A 32 12.06 -2.50 -20.00
C ILE A 32 11.25 -1.23 -19.81
N LYS A 33 9.98 -1.26 -20.16
N LYS A 33 9.97 -1.27 -20.14
CA LYS A 33 9.06 -0.16 -19.86
CA LYS A 33 9.06 -0.16 -19.85
C LYS A 33 8.47 -0.40 -18.47
C LYS A 33 8.44 -0.38 -18.49
N PHE A 34 8.57 0.60 -17.59
CA PHE A 34 8.18 0.47 -16.19
C PHE A 34 7.18 1.57 -15.90
N ALA A 35 5.92 1.18 -15.76
CA ALA A 35 4.81 2.12 -15.62
C ALA A 35 4.35 2.24 -14.17
N ALA A 36 3.89 3.43 -13.77
CA ALA A 36 3.23 3.59 -12.48
C ALA A 36 2.32 4.79 -12.51
N ALA A 37 1.54 4.93 -11.45
CA ALA A 37 0.55 6.00 -11.33
C ALA A 37 1.09 7.36 -10.94
N ASN A 38 2.09 7.41 -10.05
CA ASN A 38 2.50 8.69 -9.46
C ASN A 38 3.57 9.39 -10.28
N SER A 39 3.91 10.63 -9.90
CA SER A 39 4.82 11.46 -10.70
C SER A 39 6.17 11.66 -10.01
N LYS A 40 7.14 12.16 -10.79
CA LYS A 40 8.45 12.54 -10.26
C LYS A 40 8.28 13.32 -8.99
N GLY A 41 9.09 13.01 -7.99
CA GLY A 41 8.98 13.64 -6.69
C GLY A 41 8.35 12.72 -5.68
N HIS A 42 7.43 11.87 -6.15
CA HIS A 42 6.74 10.95 -5.25
C HIS A 42 7.70 9.82 -4.91
N PRO A 43 7.65 9.31 -3.68
CA PRO A 43 8.57 8.21 -3.30
C PRO A 43 8.55 6.99 -4.24
N GLN A 44 7.38 6.63 -4.75
CA GLN A 44 7.27 5.58 -5.74
C GLN A 44 8.18 5.82 -6.94
N VAL A 45 8.13 7.01 -7.51
CA VAL A 45 8.94 7.29 -8.69
C VAL A 45 10.41 7.45 -8.31
N THR A 46 10.70 7.95 -7.13
CA THR A 46 12.07 8.00 -6.67
C THR A 46 12.63 6.58 -6.59
N GLY A 47 11.83 5.63 -6.13
CA GLY A 47 12.24 4.25 -6.12
C GLY A 47 12.46 3.70 -7.54
N MET A 48 11.56 4.05 -8.44
CA MET A 48 11.70 3.62 -9.84
C MET A 48 12.98 4.14 -10.48
N GLU A 49 13.34 5.37 -10.15
CA GLU A 49 14.57 5.98 -10.68
C GLU A 49 15.80 5.27 -10.14
N LYS A 50 15.78 4.93 -8.85
CA LYS A 50 16.87 4.16 -8.26
C LYS A 50 16.99 2.80 -8.93
N PHE A 51 15.86 2.11 -9.09
CA PHE A 51 15.81 0.83 -9.78
C PHE A 51 16.45 0.94 -11.17
N ALA A 52 16.01 1.93 -11.95
CA ALA A 52 16.51 2.10 -13.31
C ALA A 52 18.02 2.32 -13.33
N GLU A 53 18.52 3.12 -12.40
CA GLU A 53 19.94 3.42 -12.35
C GLU A 53 20.76 2.19 -11.97
N LEU A 54 20.25 1.42 -11.02
CA LEU A 54 20.93 0.19 -10.63
C LEU A 54 20.96 -0.82 -11.76
N VAL A 55 19.89 -0.95 -12.50
CA VAL A 55 19.88 -1.85 -13.62
C VAL A 55 20.88 -1.41 -14.71
N LYS A 56 20.92 -0.11 -14.98
CA LYS A 56 21.83 0.46 -15.96
C LYS A 56 23.28 0.16 -15.56
N GLU A 57 23.60 0.33 -14.29
CA GLU A 57 24.95 0.10 -13.79
C GLU A 57 25.31 -1.37 -13.86
N LYS A 58 24.45 -2.21 -13.31
CA LYS A 58 24.76 -3.63 -13.18
C LYS A 58 24.84 -4.32 -14.51
N SER A 59 24.11 -3.81 -15.50
CA SER A 59 24.10 -4.39 -16.84
C SER A 59 25.10 -3.73 -17.79
N GLY A 60 25.85 -2.75 -17.29
CA GLY A 60 26.75 -1.97 -18.14
C GLY A 60 26.04 -1.34 -19.32
N GLY A 61 24.80 -0.87 -19.10
CA GLY A 61 24.04 -0.18 -20.13
C GLY A 61 23.27 -1.09 -21.08
N GLN A 62 23.38 -2.40 -20.93
CA GLN A 62 22.70 -3.33 -21.83
C GLN A 62 21.19 -3.35 -21.60
N ILE A 63 20.79 -3.24 -20.33
CA ILE A 63 19.37 -3.22 -19.98
C ILE A 63 19.02 -1.79 -19.65
N ASN A 64 18.07 -1.24 -20.39
CA ASN A 64 17.60 0.12 -20.17
C ASN A 64 16.17 0.11 -19.67
N VAL A 65 15.95 0.76 -18.53
CA VAL A 65 14.62 0.87 -17.95
C VAL A 65 14.07 2.25 -18.25
N LYS A 66 12.99 2.29 -19.00
CA LYS A 66 12.32 3.52 -19.38
C LYS A 66 11.06 3.70 -18.53
N LEU A 67 10.96 4.82 -17.83
CA LEU A 67 9.87 5.07 -16.88
C LEU A 67 8.66 5.71 -17.53
N PHE A 68 7.47 5.24 -17.15
CA PHE A 68 6.21 5.82 -17.63
C PHE A 68 5.39 6.15 -16.40
N PRO A 69 5.78 7.23 -15.71
CA PRO A 69 5.06 7.66 -14.52
C PRO A 69 3.77 8.42 -14.85
N GLY A 70 3.00 8.74 -13.81
CA GLY A 70 1.85 9.63 -13.96
C GLY A 70 0.61 8.96 -14.52
N GLY A 71 0.61 7.65 -14.63
CA GLY A 71 -0.53 6.91 -15.11
C GLY A 71 -0.78 7.13 -16.59
N VAL A 72 0.24 7.58 -17.32
CA VAL A 72 0.04 7.93 -18.72
C VAL A 72 -0.32 6.74 -19.60
N LEU A 73 0.05 5.53 -19.18
CA LEU A 73 -0.26 4.33 -19.93
C LEU A 73 -1.57 3.71 -19.53
N GLY A 74 -2.18 4.21 -18.47
CA GLY A 74 -3.45 3.70 -18.01
C GLY A 74 -3.52 3.53 -16.50
N SER A 75 -4.70 3.14 -16.02
CA SER A 75 -4.88 2.85 -14.61
C SER A 75 -4.02 1.67 -14.18
N ASP A 76 -3.86 1.50 -12.88
CA ASP A 76 -3.11 0.34 -12.41
C ASP A 76 -3.74 -1.00 -12.84
N PRO A 77 -5.07 -1.16 -12.69
CA PRO A 77 -5.71 -2.40 -13.20
C PRO A 77 -5.51 -2.62 -14.73
N GLN A 78 -5.55 -1.54 -15.50
CA GLN A 78 -5.32 -1.64 -16.92
C GLN A 78 -3.89 -2.13 -17.18
N THR A 79 -2.92 -1.51 -16.53
CA THR A 79 -1.52 -1.87 -16.72
C THR A 79 -1.22 -3.28 -16.23
N LEU A 80 -1.92 -3.72 -15.20
CA LEU A 80 -1.79 -5.12 -14.77
C LEU A 80 -2.09 -6.07 -15.94
N SER A 81 -3.21 -5.86 -16.62
CA SER A 81 -3.53 -6.73 -17.76
C SER A 81 -2.53 -6.54 -18.92
N GLY A 82 -1.91 -5.36 -18.99
CA GLY A 82 -0.85 -5.12 -19.97
C GLY A 82 0.41 -5.92 -19.71
N LEU A 83 0.78 -6.08 -18.45
CA LEU A 83 1.85 -7.00 -18.11
C LEU A 83 1.50 -8.44 -18.47
N GLN A 84 0.27 -8.86 -18.18
CA GLN A 84 -0.14 -10.21 -18.49
C GLN A 84 -0.03 -10.46 -19.98
N GLY A 85 -0.39 -9.47 -20.78
CA GLY A 85 -0.30 -9.60 -22.22
C GLY A 85 1.09 -9.39 -22.80
N GLY A 86 2.01 -8.85 -22.03
CA GLY A 86 3.37 -8.62 -22.51
C GLY A 86 3.61 -7.27 -23.17
N VAL A 87 2.62 -6.39 -23.16
CA VAL A 87 2.74 -5.05 -23.74
C VAL A 87 3.60 -4.10 -22.90
N VAL A 88 3.46 -4.17 -21.58
CA VAL A 88 4.23 -3.32 -20.69
C VAL A 88 5.03 -4.31 -19.83
N GLU A 89 6.35 -4.12 -19.70
CA GLU A 89 7.17 -5.11 -18.99
C GLU A 89 7.05 -5.06 -17.48
N MET A 90 7.01 -3.87 -16.91
CA MET A 90 7.03 -3.74 -15.45
C MET A 90 6.03 -2.72 -14.93
N THR A 91 5.58 -2.92 -13.71
CA THR A 91 4.78 -1.92 -13.02
C THR A 91 4.95 -2.11 -11.53
N VAL A 92 4.54 -1.09 -10.78
CA VAL A 92 4.44 -1.16 -9.33
C VAL A 92 3.10 -0.55 -8.93
N MET A 93 2.38 -1.22 -8.04
CA MET A 93 1.05 -0.74 -7.63
C MET A 93 0.67 -1.35 -6.30
N ASN A 94 -0.36 -0.80 -5.68
CA ASN A 94 -0.85 -1.35 -4.42
C ASN A 94 -1.18 -2.83 -4.60
N ALA A 95 -0.67 -3.65 -3.69
CA ALA A 95 -0.78 -5.09 -3.88
C ALA A 95 -2.21 -5.61 -3.75
N GLY A 96 -3.06 -4.90 -3.03
CA GLY A 96 -4.45 -5.31 -2.87
C GLY A 96 -5.20 -5.32 -4.18
N ILE A 97 -4.72 -4.56 -5.17
CA ILE A 97 -5.35 -4.55 -6.48
C ILE A 97 -5.33 -5.96 -7.10
N LEU A 98 -4.35 -6.78 -6.72
N LEU A 98 -4.36 -6.78 -6.70
CA LEU A 98 -4.23 -8.12 -7.26
CA LEU A 98 -4.24 -8.15 -7.18
C LEU A 98 -5.36 -9.06 -6.90
C LEU A 98 -5.36 -9.09 -6.70
N SER A 99 -6.17 -8.72 -5.89
N SER A 99 -6.23 -8.61 -5.82
CA SER A 99 -7.12 -9.69 -5.34
CA SER A 99 -7.29 -9.46 -5.25
C SER A 99 -8.08 -10.29 -6.38
C SER A 99 -8.12 -10.21 -6.31
N SER A 100 -8.43 -9.53 -7.41
CA SER A 100 -9.33 -10.08 -8.45
C SER A 100 -8.56 -10.97 -9.45
N THR A 101 -7.24 -11.04 -9.28
CA THR A 101 -6.37 -11.93 -10.03
C THR A 101 -5.99 -13.17 -9.20
N VAL A 102 -5.62 -12.92 -7.94
CA VAL A 102 -5.26 -13.95 -6.99
C VAL A 102 -5.90 -13.53 -5.67
N LYS A 103 -6.96 -14.23 -5.26
CA LYS A 103 -7.75 -13.77 -4.12
C LYS A 103 -6.98 -13.65 -2.81
N ALA A 104 -5.94 -14.46 -2.64
CA ALA A 104 -5.15 -14.41 -1.43
C ALA A 104 -4.59 -13.01 -1.18
N PHE A 105 -4.35 -12.24 -2.24
CA PHE A 105 -3.81 -10.89 -2.06
C PHE A 105 -4.77 -9.96 -1.30
N GLU A 106 -6.05 -10.32 -1.17
CA GLU A 106 -6.94 -9.53 -0.33
C GLU A 106 -6.45 -9.47 1.10
N ALA A 107 -5.61 -10.42 1.50
CA ALA A 107 -5.07 -10.41 2.84
C ALA A 107 -4.33 -9.09 3.15
N VAL A 108 -3.70 -8.46 2.16
CA VAL A 108 -2.92 -7.25 2.46
C VAL A 108 -3.82 -6.06 2.76
N ASP A 109 -5.09 -6.15 2.44
CA ASP A 109 -6.06 -5.11 2.78
C ASP A 109 -6.74 -5.31 4.15
N LEU A 110 -6.46 -6.40 4.85
CA LEU A 110 -7.12 -6.64 6.13
C LEU A 110 -6.72 -5.56 7.14
N PRO A 111 -7.64 -5.24 8.05
CA PRO A 111 -7.36 -4.11 8.95
C PRO A 111 -6.41 -4.32 10.13
N PHE A 112 -5.74 -3.22 10.48
CA PHE A 112 -4.91 -3.14 11.68
C PHE A 112 -3.81 -4.21 11.75
N LEU A 113 -3.25 -4.59 10.61
CA LEU A 113 -2.16 -5.58 10.60
C LEU A 113 -0.90 -5.04 11.28
N PHE A 114 -0.47 -3.84 10.88
CA PHE A 114 0.83 -3.32 11.29
C PHE A 114 0.70 -1.98 11.99
N ASN A 115 1.58 -1.73 12.96
CA ASN A 115 1.60 -0.46 13.66
C ASN A 115 2.75 0.45 13.22
N SER A 116 3.65 -0.09 12.39
CA SER A 116 4.79 0.65 11.89
C SER A 116 5.31 0.04 10.58
N GLY A 117 6.07 0.85 9.87
CA GLY A 117 6.73 0.41 8.65
C GLY A 117 7.66 -0.77 8.88
N GLU A 118 8.37 -0.75 10.00
CA GLU A 118 9.29 -1.80 10.37
C GLU A 118 8.58 -3.14 10.50
N GLU A 119 7.42 -3.13 11.15
CA GLU A 119 6.61 -4.33 11.25
C GLU A 119 6.16 -4.79 9.87
N ALA A 120 5.68 -3.85 9.06
CA ALA A 120 5.22 -4.19 7.72
C ALA A 120 6.34 -4.86 6.91
N ASP A 121 7.54 -4.31 6.96
CA ASP A 121 8.65 -4.87 6.19
C ASP A 121 8.93 -6.31 6.60
N LYS A 122 8.92 -6.57 7.90
CA LYS A 122 9.22 -7.91 8.41
C LYS A 122 8.23 -8.91 7.81
N VAL A 123 6.97 -8.55 7.83
CA VAL A 123 5.93 -9.48 7.39
C VAL A 123 5.87 -9.56 5.85
N MET A 124 5.98 -8.43 5.15
CA MET A 124 5.90 -8.50 3.68
C MET A 124 7.12 -9.18 3.06
N ASP A 125 8.29 -9.00 3.67
CA ASP A 125 9.54 -9.57 3.13
C ASP A 125 9.76 -11.00 3.56
N GLY A 126 8.95 -11.47 4.49
CA GLY A 126 9.01 -12.84 4.98
C GLY A 126 8.04 -13.78 4.30
N PRO A 127 7.76 -14.92 4.92
CA PRO A 127 6.96 -15.96 4.28
C PRO A 127 5.58 -15.46 3.81
N PHE A 128 4.93 -14.59 4.56
CA PHE A 128 3.62 -14.11 4.14
C PHE A 128 3.68 -13.49 2.75
N GLY A 129 4.57 -12.53 2.56
CA GLY A 129 4.68 -11.86 1.28
C GLY A 129 5.20 -12.79 0.19
N THR A 130 6.15 -13.64 0.55
CA THR A 130 6.78 -14.54 -0.38
C THR A 130 5.79 -15.57 -0.92
N ASN A 131 4.97 -16.12 -0.04
CA ASN A 131 3.99 -17.10 -0.46
C ASN A 131 2.88 -16.51 -1.30
N LEU A 132 2.56 -15.24 -1.09
CA LEU A 132 1.64 -14.58 -2.00
C LEU A 132 2.24 -14.51 -3.40
N MET A 133 3.50 -14.10 -3.50
CA MET A 133 4.14 -13.96 -4.81
C MET A 133 4.21 -15.26 -5.59
N LYS A 134 4.32 -16.37 -4.88
CA LYS A 134 4.36 -17.67 -5.55
C LYS A 134 3.11 -17.98 -6.35
N ARG A 135 2.02 -17.29 -6.05
CA ARG A 135 0.75 -17.48 -6.74
C ARG A 135 0.66 -16.72 -8.06
N LEU A 136 1.66 -15.88 -8.36
CA LEU A 136 1.56 -14.99 -9.51
C LEU A 136 1.88 -15.62 -10.87
N PRO A 137 2.90 -16.51 -10.94
CA PRO A 137 3.31 -16.99 -12.26
C PRO A 137 2.19 -17.62 -13.08
N ASP A 138 1.30 -18.37 -12.45
CA ASP A 138 0.20 -19.00 -13.18
C ASP A 138 -0.74 -17.97 -13.82
N THR A 139 -0.70 -16.74 -13.35
CA THR A 139 -1.54 -15.67 -13.90
C THR A 139 -0.79 -14.78 -14.90
N GLY A 140 0.45 -15.12 -15.22
CA GLY A 140 1.24 -14.35 -16.17
C GLY A 140 2.04 -13.20 -15.58
N LEU A 141 2.26 -13.24 -14.27
CA LEU A 141 2.95 -12.16 -13.53
C LEU A 141 4.06 -12.75 -12.68
N ILE A 142 5.16 -12.01 -12.54
CA ILE A 142 6.24 -12.38 -11.64
C ILE A 142 6.41 -11.25 -10.62
N GLY A 143 6.33 -11.59 -9.34
CA GLY A 143 6.56 -10.62 -8.27
C GLY A 143 8.04 -10.49 -7.95
N LEU A 144 8.54 -9.28 -7.85
CA LEU A 144 9.96 -9.03 -7.58
C LEU A 144 10.25 -8.55 -6.16
N ALA A 145 9.42 -7.66 -5.62
CA ALA A 145 9.66 -7.07 -4.31
C ALA A 145 8.40 -6.32 -3.90
N TYR A 146 8.29 -6.07 -2.60
CA TYR A 146 7.30 -5.16 -2.08
C TYR A 146 7.96 -3.84 -1.73
N TRP A 147 7.36 -2.74 -2.18
CA TRP A 147 7.78 -1.39 -1.81
C TRP A 147 6.64 -0.79 -0.96
N GLU A 148 6.77 0.47 -0.55
CA GLU A 148 5.76 1.07 0.32
C GLU A 148 4.95 2.14 -0.36
N LEU A 149 3.63 2.10 -0.22
CA LEU A 149 2.82 3.30 -0.39
C LEU A 149 2.63 3.95 0.97
N GLY A 150 1.95 3.28 1.90
CA GLY A 150 1.87 3.78 3.25
C GLY A 150 0.63 3.34 4.00
N PHE A 151 0.53 3.81 5.23
CA PHE A 151 -0.67 3.60 6.02
C PHE A 151 -1.84 4.46 5.55
N ARG A 152 -3.02 3.90 5.72
CA ARG A 152 -4.26 4.65 5.55
C ARG A 152 -4.75 5.11 6.90
N ASN A 153 -4.98 6.42 7.02
CA ASN A 153 -5.44 7.09 8.22
C ASN A 153 -6.78 7.78 7.98
N LEU A 154 -7.28 8.51 8.96
CA LEU A 154 -8.67 9.00 8.94
C LEU A 154 -8.74 10.48 9.31
N THR A 155 -9.32 11.29 8.41
CA THR A 155 -9.61 12.66 8.76
C THR A 155 -11.11 12.85 8.88
N ASN A 156 -11.52 13.84 9.67
CA ASN A 156 -12.89 14.30 9.67
C ASN A 156 -12.95 15.75 10.15
N ASN A 157 -14.14 16.34 10.04
CA ASN A 157 -14.31 17.74 10.44
C ASN A 157 -15.29 17.91 11.58
N ARG A 158 -15.74 16.83 12.19
CA ARG A 158 -16.70 16.90 13.31
C ARG A 158 -16.02 16.95 14.69
N HIS A 159 -15.14 15.99 14.97
CA HIS A 159 -14.53 15.90 16.31
C HIS A 159 -13.36 14.92 16.28
N PRO A 160 -12.45 15.01 17.26
CA PRO A 160 -11.35 14.05 17.27
C PRO A 160 -11.86 12.60 17.37
N VAL A 161 -11.15 11.68 16.71
CA VAL A 161 -11.42 10.26 16.81
C VAL A 161 -10.31 9.57 17.59
N ALA A 162 -10.67 9.05 18.75
CA ALA A 162 -9.70 8.37 19.61
C ALA A 162 -10.12 6.93 19.95
N LYS A 163 -11.33 6.56 19.56
CA LYS A 163 -11.93 5.28 19.95
C LYS A 163 -13.15 5.04 19.08
N LEU A 164 -13.66 3.81 19.13
CA LEU A 164 -14.79 3.37 18.32
C LEU A 164 -16.00 4.28 18.39
N GLU A 165 -16.38 4.67 19.58
N GLU A 165 -16.37 4.66 19.59
CA GLU A 165 -17.59 5.44 19.80
C GLU A 165 -17.51 6.78 19.06
C GLU A 165 -17.51 6.78 19.06
N ASP A 166 -16.29 7.29 18.89
CA ASP A 166 -16.07 8.56 18.17
C ASP A 166 -16.35 8.45 16.67
N ILE A 167 -16.30 7.24 16.15
CA ILE A 167 -16.50 7.01 14.70
C ILE A 167 -17.98 6.85 14.38
N ALA A 168 -18.76 6.47 15.39
CA ALA A 168 -20.19 6.21 15.21
C ALA A 168 -20.88 7.33 14.45
N GLY A 169 -21.54 6.98 13.35
CA GLY A 169 -22.37 7.88 12.59
C GLY A 169 -21.64 8.81 11.62
N LEU A 170 -20.31 8.80 11.64
CA LEU A 170 -19.58 9.64 10.71
C LEU A 170 -19.74 9.15 9.28
N LYS A 171 -19.88 10.11 8.36
CA LYS A 171 -19.99 9.83 6.94
C LYS A 171 -18.60 9.97 6.36
N ILE A 172 -17.96 8.83 6.11
CA ILE A 172 -16.56 8.79 5.71
C ILE A 172 -16.44 8.27 4.28
N ARG A 173 -15.83 9.06 3.40
CA ARG A 173 -15.54 8.58 2.05
C ARG A 173 -14.47 7.50 2.15
N THR A 174 -14.80 6.29 1.69
CA THR A 174 -13.89 5.16 1.74
C THR A 174 -13.73 4.54 0.37
N LEU A 175 -12.64 3.81 0.17
CA LEU A 175 -12.59 2.87 -0.94
C LEU A 175 -13.77 1.89 -0.82
N GLN A 176 -14.20 1.40 -1.98
CA GLN A 176 -15.48 0.73 -2.06
C GLN A 176 -15.38 -0.76 -2.36
N SER A 177 -14.19 -1.32 -2.26
CA SER A 177 -14.06 -2.78 -2.32
C SER A 177 -14.59 -3.40 -1.01
N PRO A 178 -14.76 -4.73 -1.00
CA PRO A 178 -15.51 -5.28 0.14
C PRO A 178 -14.86 -5.10 1.52
N VAL A 179 -13.54 -5.19 1.65
CA VAL A 179 -12.93 -5.08 2.96
C VAL A 179 -13.16 -3.69 3.60
N PRO A 180 -12.80 -2.60 2.91
CA PRO A 180 -12.98 -1.31 3.58
C PRO A 180 -14.45 -0.99 3.88
N VAL A 181 -15.37 -1.43 3.03
CA VAL A 181 -16.78 -1.19 3.31
C VAL A 181 -17.20 -1.96 4.56
N ALA A 182 -16.78 -3.22 4.67
CA ALA A 182 -17.08 -4.00 5.86
C ALA A 182 -16.46 -3.35 7.10
N LEU A 183 -15.22 -2.92 6.98
CA LEU A 183 -14.48 -2.31 8.09
C LEU A 183 -15.19 -1.08 8.62
N PHE A 184 -15.54 -0.16 7.74
CA PHE A 184 -16.09 1.10 8.23
C PHE A 184 -17.51 0.93 8.75
N ASN A 185 -18.28 0.02 8.15
CA ASN A 185 -19.59 -0.32 8.74
C ASN A 185 -19.42 -0.94 10.12
N ALA A 186 -18.45 -1.84 10.29
CA ALA A 186 -18.20 -2.45 11.59
C ALA A 186 -17.82 -1.41 12.64
N LEU A 187 -17.21 -0.32 12.19
CA LEU A 187 -16.81 0.78 13.08
C LEU A 187 -17.96 1.76 13.36
N GLY A 188 -19.12 1.53 12.74
CA GLY A 188 -20.27 2.40 12.95
C GLY A 188 -20.40 3.60 12.00
N ALA A 189 -19.53 3.66 10.99
CA ALA A 189 -19.53 4.77 10.04
C ALA A 189 -20.35 4.39 8.84
N ASN A 190 -20.67 5.39 8.04
CA ASN A 190 -21.18 5.21 6.68
C ASN A 190 -19.99 5.25 5.74
N ALA A 191 -19.84 4.21 4.92
CA ALA A 191 -18.71 4.06 4.01
C ALA A 191 -19.14 4.60 2.65
N VAL A 192 -18.93 5.89 2.45
CA VAL A 192 -19.54 6.64 1.37
C VAL A 192 -18.73 6.54 0.07
N PRO A 193 -19.39 6.21 -1.06
CA PRO A 193 -18.76 6.20 -2.37
C PRO A 193 -18.70 7.59 -2.99
N LEU A 194 -17.53 8.03 -3.43
CA LEU A 194 -17.42 9.30 -4.12
C LEU A 194 -16.16 9.32 -4.97
N PRO A 195 -16.27 9.74 -6.25
CA PRO A 195 -15.05 9.90 -7.05
C PRO A 195 -14.06 10.87 -6.39
N TYR A 196 -12.79 10.53 -6.43
CA TYR A 196 -11.79 11.28 -5.70
C TYR A 196 -11.79 12.77 -6.08
N THR A 197 -12.02 13.06 -7.35
CA THR A 197 -11.97 14.43 -7.83
C THR A 197 -13.06 15.31 -7.20
N GLU A 198 -14.11 14.69 -6.66
CA GLU A 198 -15.20 15.42 -6.03
C GLU A 198 -15.06 15.56 -4.53
N LEU A 199 -14.05 14.91 -3.95
CA LEU A 199 -13.94 14.75 -2.51
C LEU A 199 -13.66 16.05 -1.76
N TYR A 200 -12.69 16.86 -2.21
CA TYR A 200 -12.42 18.13 -1.54
C TYR A 200 -13.71 18.95 -1.36
N THR A 201 -14.48 19.07 -2.43
CA THR A 201 -15.67 19.92 -2.40
C THR A 201 -16.77 19.30 -1.55
N ALA A 202 -16.91 17.97 -1.58
CA ALA A 202 -17.89 17.32 -0.71
C ALA A 202 -17.52 17.48 0.76
N LEU A 203 -16.22 17.46 1.08
CA LEU A 203 -15.77 17.74 2.43
C LEU A 203 -16.04 19.20 2.80
N GLU A 204 -15.80 20.09 1.85
CA GLU A 204 -16.07 21.52 2.10
C GLU A 204 -17.54 21.76 2.42
N THR A 205 -18.45 21.18 1.66
CA THR A 205 -19.88 21.44 1.88
C THR A 205 -20.39 20.67 3.09
N GLY A 206 -19.67 19.65 3.51
CA GLY A 206 -20.05 18.89 4.68
C GLY A 206 -20.97 17.70 4.44
N THR A 207 -21.29 17.39 3.19
CA THR A 207 -22.14 16.23 2.99
C THR A 207 -21.37 14.95 3.34
N VAL A 208 -20.04 15.04 3.29
CA VAL A 208 -19.16 14.00 3.78
C VAL A 208 -18.42 14.59 4.98
N ASP A 209 -18.36 13.86 6.09
CA ASP A 209 -17.69 14.34 7.31
C ASP A 209 -16.17 14.17 7.24
N GLY A 210 -15.71 13.15 6.53
CA GLY A 210 -14.30 12.79 6.55
C GLY A 210 -13.97 11.81 5.45
N GLN A 211 -12.73 11.34 5.49
CA GLN A 211 -12.23 10.47 4.44
C GLN A 211 -11.06 9.69 4.99
N GLU A 212 -10.82 8.55 4.37
CA GLU A 212 -9.72 7.68 4.76
C GLU A 212 -8.75 7.50 3.59
N ASN A 213 -7.46 7.70 3.86
CA ASN A 213 -6.44 7.74 2.83
C ASN A 213 -5.08 7.90 3.51
N PRO A 214 -4.00 7.73 2.74
CA PRO A 214 -2.68 8.08 3.30
C PRO A 214 -2.54 9.56 3.64
N ASN A 215 -1.56 9.87 4.47
CA ASN A 215 -1.33 11.23 4.88
C ASN A 215 -1.01 12.18 3.72
N ALA A 216 -0.30 11.70 2.70
CA ALA A 216 0.17 12.57 1.63
C ALA A 216 -1.00 13.27 0.99
N ASN A 217 -2.13 12.59 0.88
CA ASN A 217 -3.30 13.15 0.23
C ASN A 217 -3.79 14.40 0.93
N ILE A 218 -3.62 14.47 2.26
CA ILE A 218 -4.10 15.62 3.00
C ILE A 218 -3.41 16.89 2.50
N ILE A 219 -2.11 16.80 2.25
CA ILE A 219 -1.37 17.92 1.68
C ILE A 219 -1.67 18.09 0.20
N ASN A 220 -1.57 17.03 -0.59
CA ASN A 220 -1.70 17.13 -2.04
C ASN A 220 -3.05 17.69 -2.48
N ALA A 221 -4.11 17.22 -1.84
CA ALA A 221 -5.47 17.66 -2.17
C ALA A 221 -5.96 18.80 -1.27
N LYS A 222 -5.11 19.28 -0.37
CA LYS A 222 -5.43 20.39 0.52
C LYS A 222 -6.63 20.12 1.43
N PHE A 223 -6.75 18.88 1.86
CA PHE A 223 -7.84 18.52 2.74
C PHE A 223 -7.74 19.22 4.10
N TYR A 224 -6.54 19.73 4.44
CA TYR A 224 -6.37 20.49 5.66
C TYR A 224 -7.21 21.78 5.64
N GLU A 225 -7.69 22.22 4.46
CA GLU A 225 -8.52 23.42 4.38
C GLU A 225 -9.95 23.14 4.81
N VAL A 226 -10.31 21.85 4.83
CA VAL A 226 -11.70 21.46 5.01
C VAL A 226 -11.89 20.33 6.04
N GLN A 227 -10.80 20.00 6.74
CA GLN A 227 -10.77 18.98 7.78
C GLN A 227 -9.94 19.46 8.95
N LYS A 228 -10.51 19.47 10.14
CA LYS A 228 -9.79 19.88 11.34
C LYS A 228 -9.08 18.77 12.11
N TYR A 229 -9.43 17.50 11.81
CA TYR A 229 -8.99 16.37 12.63
C TYR A 229 -8.36 15.27 11.79
N LEU A 230 -7.25 14.74 12.27
CA LEU A 230 -6.59 13.56 11.73
C LEU A 230 -6.31 12.58 12.86
N THR A 231 -6.67 11.32 12.67
CA THR A 231 -6.22 10.27 13.55
C THR A 231 -5.37 9.31 12.78
N LEU A 232 -4.23 8.96 13.36
CA LEU A 232 -3.34 7.96 12.77
C LEU A 232 -3.91 6.58 13.10
N THR A 233 -5.05 6.27 12.51
CA THR A 233 -5.73 4.99 12.77
C THR A 233 -4.93 3.81 12.26
N ARG A 234 -4.12 4.03 11.22
N ARG A 234 -4.12 4.03 11.22
CA ARG A 234 -3.40 2.95 10.56
C ARG A 234 -4.33 1.74 10.34
C ARG A 234 -4.36 1.75 10.44
N HIS A 235 -5.56 2.02 9.92
CA HIS A 235 -6.57 0.97 9.84
C HIS A 235 -6.26 -0.03 8.74
N GLN A 236 -5.53 0.41 7.72
CA GLN A 236 -4.98 -0.49 6.72
C GLN A 236 -3.59 0.01 6.36
N TYR A 237 -2.81 -0.86 5.74
CA TYR A 237 -1.48 -0.54 5.24
C TYR A 237 -1.46 -0.95 3.79
N ASN A 238 -0.98 -0.07 2.92
CA ASN A 238 -0.86 -0.34 1.49
C ASN A 238 0.61 -0.61 1.10
N PRO A 239 0.99 -1.89 0.98
CA PRO A 239 2.26 -2.22 0.35
C PRO A 239 2.08 -2.16 -1.14
N GLN A 240 3.13 -1.83 -1.88
CA GLN A 240 3.09 -1.96 -3.31
C GLN A 240 3.87 -3.17 -3.73
N ILE A 241 3.47 -3.80 -4.81
CA ILE A 241 4.23 -4.91 -5.36
C ILE A 241 4.81 -4.49 -6.70
N VAL A 242 6.11 -4.75 -6.87
CA VAL A 242 6.80 -4.56 -8.13
C VAL A 242 6.73 -5.85 -8.91
N MET A 243 6.22 -5.78 -10.12
CA MET A 243 5.99 -6.94 -10.96
C MET A 243 6.60 -6.78 -12.33
N ILE A 244 6.89 -7.92 -12.93
CA ILE A 244 7.36 -7.98 -14.29
C ILE A 244 6.53 -9.03 -15.06
N SER A 245 6.27 -8.74 -16.33
CA SER A 245 5.50 -9.62 -17.21
C SER A 245 6.17 -10.99 -17.31
N LYS A 246 5.44 -12.08 -17.07
CA LYS A 246 6.03 -13.41 -17.23
C LYS A 246 6.45 -13.70 -18.68
N LYS A 247 5.66 -13.23 -19.65
CA LYS A 247 6.02 -13.40 -21.07
C LYS A 247 7.43 -12.85 -21.32
N PHE A 248 7.71 -11.66 -20.79
CA PHE A 248 9.03 -11.05 -20.89
C PHE A 248 10.13 -11.78 -20.08
N TRP A 249 9.83 -12.07 -18.82
CA TRP A 249 10.72 -12.80 -17.92
C TRP A 249 11.19 -14.11 -18.51
N ASP A 250 10.27 -14.85 -19.15
CA ASP A 250 10.61 -16.17 -19.70
C ASP A 250 11.62 -16.09 -20.81
N ARG A 251 11.76 -14.92 -21.43
CA ARG A 251 12.74 -14.73 -22.49
C ARG A 251 14.11 -14.33 -21.96
N LEU A 252 14.21 -14.04 -20.67
CA LEU A 252 15.48 -13.59 -20.12
C LEU A 252 16.36 -14.74 -19.64
N ASN A 253 17.66 -14.50 -19.60
CA ASN A 253 18.59 -15.47 -19.01
C ASN A 253 18.84 -15.19 -17.53
N ASP A 254 19.55 -16.08 -16.85
CA ASP A 254 19.72 -15.96 -15.41
C ASP A 254 20.48 -14.71 -14.99
N GLU A 255 21.45 -14.29 -15.81
CA GLU A 255 22.23 -13.12 -15.48
C GLU A 255 21.36 -11.86 -15.56
N GLU A 256 20.48 -11.80 -16.56
CA GLU A 256 19.57 -10.66 -16.72
C GLU A 256 18.58 -10.64 -15.54
N LYS A 257 18.03 -11.80 -15.21
CA LYS A 257 17.09 -11.90 -14.10
C LYS A 257 17.75 -11.47 -12.78
N ALA A 258 19.00 -11.89 -12.55
CA ALA A 258 19.67 -11.53 -11.32
C ALA A 258 19.87 -10.01 -11.18
N VAL A 259 20.22 -9.34 -12.27
CA VAL A 259 20.36 -7.86 -12.27
C VAL A 259 19.06 -7.23 -11.81
N ILE A 260 17.95 -7.70 -12.39
CA ILE A 260 16.65 -7.12 -12.11
C ILE A 260 16.23 -7.37 -10.68
N GLU A 261 16.46 -8.59 -10.18
CA GLU A 261 16.13 -8.94 -8.80
C GLU A 261 16.98 -8.15 -7.82
N GLN A 262 18.29 -8.08 -8.06
CA GLN A 262 19.16 -7.33 -7.17
C GLN A 262 18.71 -5.87 -7.08
N ALA A 263 18.41 -5.29 -8.24
CA ALA A 263 18.00 -3.90 -8.30
C ALA A 263 16.66 -3.69 -7.60
N ALA A 264 15.74 -4.63 -7.76
CA ALA A 264 14.43 -4.48 -7.13
C ALA A 264 14.53 -4.46 -5.61
N VAL A 265 15.35 -5.33 -5.03
CA VAL A 265 15.44 -5.40 -3.57
C VAL A 265 16.30 -4.28 -3.00
N GLU A 266 17.36 -3.86 -3.71
CA GLU A 266 18.14 -2.74 -3.29
C GLU A 266 17.29 -1.46 -3.37
N ALA A 267 16.54 -1.28 -4.46
CA ALA A 267 15.68 -0.11 -4.60
C ALA A 267 14.58 -0.11 -3.54
N ARG A 268 14.09 -1.29 -3.18
CA ARG A 268 13.09 -1.41 -2.14
C ARG A 268 13.51 -0.73 -0.85
N ASP A 269 14.70 -1.05 -0.36
CA ASP A 269 15.12 -0.54 0.95
C ASP A 269 15.26 0.97 0.88
N TYR A 270 15.77 1.46 -0.24
CA TYR A 270 15.93 2.88 -0.46
C TYR A 270 14.56 3.58 -0.56
N GLN A 271 13.65 2.98 -1.32
CA GLN A 271 12.33 3.56 -1.54
C GLN A 271 11.57 3.71 -0.21
N ARG A 272 11.68 2.71 0.66
CA ARG A 272 11.00 2.74 1.94
C ARG A 272 11.58 3.85 2.80
N LYS A 273 12.89 4.04 2.78
CA LYS A 273 13.48 5.14 3.54
C LYS A 273 13.01 6.50 3.04
N VAL A 274 12.96 6.67 1.72
CA VAL A 274 12.52 7.92 1.14
C VAL A 274 11.05 8.16 1.50
N SER A 275 10.26 7.10 1.44
CA SER A 275 8.85 7.21 1.76
C SER A 275 8.66 7.68 3.20
N ARG A 276 9.41 7.10 4.11
CA ARG A 276 9.23 7.41 5.51
C ARG A 276 9.75 8.81 5.86
N GLU A 277 10.82 9.25 5.21
CA GLU A 277 11.28 10.62 5.38
C GLU A 277 10.20 11.60 4.91
N GLN A 278 9.61 11.32 3.77
CA GLN A 278 8.58 12.20 3.23
C GLN A 278 7.34 12.20 4.13
N ASP A 279 6.99 11.06 4.71
CA ASP A 279 5.81 11.00 5.57
C ASP A 279 6.05 11.80 6.84
N ALA A 280 7.27 11.75 7.38
CA ALA A 280 7.58 12.53 8.57
C ALA A 280 7.40 14.02 8.27
N THR A 281 7.87 14.46 7.11
CA THR A 281 7.76 15.87 6.73
C THR A 281 6.30 16.24 6.47
N ALA A 282 5.55 15.36 5.84
CA ALA A 282 4.13 15.60 5.62
C ALA A 282 3.40 15.82 6.93
N LEU A 283 3.69 14.97 7.90
CA LEU A 283 3.07 15.13 9.21
C LEU A 283 3.47 16.45 9.87
N ASP A 284 4.73 16.86 9.71
CA ASP A 284 5.15 18.17 10.19
C ASP A 284 4.28 19.25 9.57
N GLU A 285 4.08 19.17 8.26
CA GLU A 285 3.29 20.14 7.52
C GLU A 285 1.85 20.12 7.95
N ILE A 286 1.28 18.93 8.11
CA ILE A 286 -0.10 18.80 8.53
C ILE A 286 -0.33 19.49 9.90
N LYS A 287 0.56 19.26 10.84
CA LYS A 287 0.42 19.87 12.13
C LYS A 287 0.48 21.39 12.04
N LYS A 288 1.33 21.92 11.17
CA LYS A 288 1.47 23.38 11.04
C LYS A 288 0.27 24.03 10.36
N THR A 289 -0.59 23.26 9.72
CA THR A 289 -1.82 23.80 9.17
C THR A 289 -2.88 23.97 10.25
N GLY A 290 -2.61 23.51 11.45
CA GLY A 290 -3.54 23.61 12.57
C GLY A 290 -4.55 22.48 12.65
N MET A 291 -4.34 21.40 11.90
CA MET A 291 -5.09 20.18 12.12
C MET A 291 -4.64 19.58 13.44
N GLN A 292 -5.58 18.97 14.15
CA GLN A 292 -5.27 18.29 15.39
C GLN A 292 -5.02 16.82 15.07
N VAL A 293 -3.87 16.30 15.47
CA VAL A 293 -3.49 14.93 15.16
C VAL A 293 -3.56 14.06 16.43
N THR A 294 -4.33 13.00 16.32
CA THR A 294 -4.51 12.07 17.41
C THR A 294 -3.82 10.75 17.08
N GLU A 295 -3.06 10.23 18.03
CA GLU A 295 -2.45 8.91 17.91
C GLU A 295 -3.21 7.93 18.79
N LEU A 296 -3.22 6.68 18.37
CA LEU A 296 -3.77 5.59 19.18
C LEU A 296 -2.67 4.79 19.86
N THR A 297 -2.88 4.41 21.13
CA THR A 297 -1.97 3.49 21.79
C THR A 297 -2.19 2.12 21.17
N PRO A 298 -1.21 1.21 21.34
CA PRO A 298 -1.39 -0.13 20.81
C PRO A 298 -2.64 -0.79 21.40
N GLU A 299 -2.96 -0.46 22.65
CA GLU A 299 -4.09 -1.10 23.31
C GLU A 299 -5.40 -0.59 22.71
N GLU A 300 -5.45 0.67 22.31
CA GLU A 300 -6.62 1.17 21.64
C GLU A 300 -6.75 0.56 20.23
N THR A 301 -5.64 0.41 19.53
CA THR A 301 -5.64 -0.29 18.25
C THR A 301 -6.17 -1.71 18.44
N THR A 302 -5.74 -2.39 19.49
CA THR A 302 -6.22 -3.73 19.74
C THR A 302 -7.71 -3.73 19.98
N ARG A 303 -8.21 -2.74 20.71
CA ARG A 303 -9.65 -2.62 20.97
C ARG A 303 -10.44 -2.48 19.66
N LEU A 304 -9.90 -1.72 18.70
CA LEU A 304 -10.55 -1.54 17.40
C LEU A 304 -10.47 -2.83 16.58
N ARG A 305 -9.29 -3.44 16.56
CA ARG A 305 -9.11 -4.71 15.87
C ARG A 305 -10.08 -5.77 16.37
N ASP A 306 -10.20 -5.88 17.69
CA ASP A 306 -11.08 -6.89 18.28
C ASP A 306 -12.55 -6.60 17.98
N ALA A 307 -12.92 -5.33 17.93
CA ALA A 307 -14.29 -4.95 17.64
C ALA A 307 -14.69 -5.29 16.22
N VAL A 308 -13.74 -5.29 15.29
CA VAL A 308 -14.08 -5.54 13.90
C VAL A 308 -13.80 -6.98 13.49
N LYS A 309 -13.07 -7.74 14.30
CA LYS A 309 -12.68 -9.08 13.93
C LYS A 309 -13.85 -9.99 13.50
N PRO A 310 -14.96 -10.00 14.25
CA PRO A 310 -16.01 -10.94 13.82
C PRO A 310 -16.57 -10.63 12.42
N ILE A 311 -16.51 -9.37 12.01
CA ILE A 311 -16.92 -8.98 10.67
C ILE A 311 -15.85 -9.38 9.66
N ILE A 312 -14.61 -9.03 9.96
CA ILE A 312 -13.48 -9.28 9.06
C ILE A 312 -13.22 -10.76 8.85
N ASP A 313 -13.61 -11.61 9.82
CA ASP A 313 -13.43 -13.06 9.68
C ASP A 313 -14.17 -13.62 8.46
N LYS A 314 -15.15 -12.89 7.94
CA LYS A 314 -15.92 -13.36 6.78
C LYS A 314 -15.09 -13.49 5.51
N PHE A 315 -13.97 -12.80 5.44
CA PHE A 315 -13.11 -12.87 4.26
C PHE A 315 -12.13 -14.05 4.28
N THR A 316 -12.04 -14.74 5.42
CA THR A 316 -11.03 -15.78 5.56
C THR A 316 -11.28 -16.92 4.59
N ALA A 317 -12.54 -17.26 4.32
CA ALA A 317 -12.82 -18.42 3.47
C ALA A 317 -12.29 -18.16 2.07
N GLU A 318 -12.46 -16.94 1.55
CA GLU A 318 -12.05 -16.70 0.17
C GLU A 318 -10.55 -16.43 0.05
N ILE A 319 -9.96 -15.81 1.07
CA ILE A 319 -8.51 -15.62 1.12
C ILE A 319 -7.82 -16.98 1.26
N GLY A 320 -8.36 -17.80 2.15
CA GLY A 320 -7.83 -19.13 2.43
C GLY A 320 -7.24 -19.21 3.83
N ALA A 321 -7.61 -20.24 4.58
CA ALA A 321 -7.05 -20.46 5.91
C ALA A 321 -5.53 -20.53 5.89
N GLU A 322 -4.96 -21.14 4.86
CA GLU A 322 -3.51 -21.25 4.76
C GLU A 322 -2.85 -19.87 4.87
N THR A 323 -3.34 -18.95 4.07
CA THR A 323 -2.79 -17.62 4.06
C THR A 323 -3.10 -16.87 5.36
N VAL A 324 -4.35 -16.93 5.83
CA VAL A 324 -4.71 -16.18 7.04
C VAL A 324 -4.00 -16.71 8.31
N ASP A 325 -3.96 -18.03 8.50
CA ASP A 325 -3.30 -18.57 9.68
C ASP A 325 -1.83 -18.19 9.75
N GLU A 326 -1.15 -18.27 8.61
CA GLU A 326 0.26 -17.89 8.52
C GLU A 326 0.46 -16.42 8.90
N LEU A 327 -0.37 -15.57 8.31
CA LEU A 327 -0.35 -14.14 8.60
C LEU A 327 -0.55 -13.89 10.11
N PHE A 328 -1.56 -14.53 10.68
CA PHE A 328 -1.83 -14.30 12.10
C PHE A 328 -0.67 -14.70 13.01
N ALA A 329 0.03 -15.79 12.65
CA ALA A 329 1.24 -16.19 13.37
C ALA A 329 2.36 -15.15 13.27
N GLU A 330 2.61 -14.67 12.07
CA GLU A 330 3.63 -13.63 11.85
C GLU A 330 3.28 -12.37 12.67
N LEU A 331 1.99 -12.01 12.74
CA LEU A 331 1.57 -10.83 13.49
C LEU A 331 1.73 -11.01 15.01
N LYS A 332 1.41 -12.19 15.54
CA LYS A 332 1.66 -12.44 16.96
C LYS A 332 3.14 -12.28 17.29
N LYS A 333 3.99 -12.82 16.42
CA LYS A 333 5.43 -12.71 16.59
C LYS A 333 5.90 -11.25 16.63
N VAL A 334 5.49 -10.46 15.64
CA VAL A 334 6.02 -9.11 15.56
C VAL A 334 5.46 -8.24 16.66
N ARG A 335 4.22 -8.50 17.07
CA ARG A 335 3.60 -7.71 18.13
C ARG A 335 4.28 -7.98 19.48
N GLY A 336 4.88 -9.16 19.61
CA GLY A 336 5.63 -9.47 20.82
C GLY A 336 7.01 -8.84 20.84
N GLU A 337 7.48 -8.40 19.68
CA GLU A 337 8.79 -7.77 19.57
C GLU A 337 8.69 -6.28 19.88
N ASN A 338 7.46 -5.78 19.98
CA ASN A 338 7.24 -4.36 20.21
C ASN A 338 7.75 -3.97 21.59
N ALA A 339 8.63 -2.98 21.60
CA ALA A 339 9.28 -2.51 22.83
C ALA A 339 8.27 -2.02 23.86
N GLU A 340 7.10 -1.57 23.40
CA GLU A 340 6.08 -1.04 24.32
C GLU A 340 5.67 -2.05 25.39
N ASN A 341 5.81 -3.34 25.08
CA ASN A 341 5.51 -4.38 26.06
C ASN A 341 6.38 -4.27 27.31
N LEU A 342 7.53 -3.62 27.19
CA LEU A 342 8.47 -3.46 28.29
C LEU A 342 8.58 -2.02 28.77
N TYR A 343 7.64 -1.17 28.39
CA TYR A 343 7.68 0.24 28.83
C TYR A 343 7.38 0.45 30.30
N PHE A 344 6.54 -0.41 30.88
CA PHE A 344 5.92 -0.09 32.19
C PHE A 344 6.17 -1.04 33.35
N GLN A 345 6.36 -2.31 33.05
CA GLN A 345 6.61 -3.30 34.10
C GLN A 345 7.87 -4.11 33.81
#